data_2IKG
#
_entry.id   2IKG
#
_cell.length_a   49.285
_cell.length_b   66.745
_cell.length_c   47.154
_cell.angle_alpha   90.00
_cell.angle_beta   92.59
_cell.angle_gamma   90.00
#
_symmetry.space_group_name_H-M   'P 1 21 1'
#
loop_
_entity.id
_entity.type
_entity.pdbx_description
1 polymer 'Aldose reductase'
2 non-polymer 'NADP NICOTINAMIDE-ADENINE-DINUCLEOTIDE PHOSPHATE'
3 non-polymer '4-[3-(3-NITROPHENYL)-1,2,4-OXADIAZOL-5-YL]BUTANOIC ACID'
4 water water
#
_entity_poly.entity_id   1
_entity_poly.type   'polypeptide(L)'
_entity_poly.pdbx_seq_one_letter_code
;MASRILLNNGAKMPILGLGTWKSPPGQVTEAVKVAIDVGYRHIDCAHVYQNENEVGVAIQEKLREQVVKREELFIVSKLW
CTYHEKGLVKGACQKTLSDLKLDYLDLYLIHWPTGFKPGKEFFPLDESGNVVPSDTNILDTWAAMEELVDEGLVKAIGIS
NFNHLQVEMILNKPGLKYKPAVNQIECHPYLTQEKLIQYCQSKGIVVTAYSPLGSPDRPWAKPEDPSLLEDPRIKAIAAK
HNKTTAQVLIRFPMQRNLVVIPKSVTPERIAENFKVFDFELSSQDMTTLLSYNRNWRVCALLSCTSHKDYPFHEEF
;
_entity_poly.pdbx_strand_id   A
#
loop_
_chem_comp.id
_chem_comp.type
_chem_comp.name
_chem_comp.formula
BTO non-polymer '4-[3-(3-NITROPHENYL)-1,2,4-OXADIAZOL-5-YL]BUTANOIC ACID' 'C12 H11 N3 O5'
NAP non-polymer 'NADP NICOTINAMIDE-ADENINE-DINUCLEOTIDE PHOSPHATE' 'C21 H28 N7 O17 P3'
#
# COMPACT_ATOMS: atom_id res chain seq x y z
N MET A 1 13.73 15.57 -8.05
CA MET A 1 12.95 15.19 -6.83
C MET A 1 13.69 14.09 -6.07
N ALA A 2 13.77 14.33 -4.76
CA ALA A 2 14.39 13.37 -3.86
C ALA A 2 13.71 12.00 -3.97
N SER A 3 14.46 10.96 -3.67
CA SER A 3 13.93 9.61 -3.83
C SER A 3 13.27 9.04 -2.59
N ARG A 4 13.45 9.60 -1.41
CA ARG A 4 12.86 9.12 -0.17
C ARG A 4 12.19 10.22 0.62
N ILE A 5 11.23 9.79 1.43
CA ILE A 5 10.51 10.71 2.30
C ILE A 5 10.75 10.34 3.76
N LEU A 6 10.85 11.36 4.61
CA LEU A 6 11.15 11.08 6.01
C LEU A 6 9.85 10.79 6.76
N LEU A 7 9.87 9.65 7.44
CA LEU A 7 8.79 9.19 8.29
C LEU A 7 8.95 9.68 9.73
N ASN A 8 7.83 9.64 10.43
CA ASN A 8 7.78 10.14 11.81
C ASN A 8 8.43 9.15 12.77
N ASN A 9 9.05 8.09 12.28
CA ASN A 9 9.89 7.26 13.13
C ASN A 9 11.36 7.58 12.89
N GLY A 10 11.67 8.57 12.08
CA GLY A 10 13.06 8.92 11.83
C GLY A 10 13.70 8.18 10.67
N ALA A 11 13.06 7.18 10.08
CA ALA A 11 13.62 6.46 8.94
C ALA A 11 13.14 7.05 7.61
N LYS A 12 13.84 6.79 6.51
CA LYS A 12 13.49 7.28 5.19
C LYS A 12 12.89 6.17 4.33
N MET A 13 11.82 6.49 3.60
CA MET A 13 11.03 5.54 2.84
C MET A 13 11.11 5.89 1.36
N PRO A 14 11.55 4.98 0.49
CA PRO A 14 11.55 5.30 -0.94
C PRO A 14 10.15 5.60 -1.46
N ILE A 15 10.05 6.68 -2.22
CA ILE A 15 8.69 7.10 -2.61
C ILE A 15 8.15 6.30 -3.78
N LEU A 16 8.99 5.47 -4.41
CA LEU A 16 8.54 4.53 -5.44
C LEU A 16 8.80 3.13 -4.88
N GLY A 17 7.73 2.33 -4.91
CA GLY A 17 7.88 0.92 -4.60
C GLY A 17 7.16 0.04 -5.62
N LEU A 18 7.46 -1.24 -5.58
CA LEU A 18 6.81 -2.24 -6.44
C LEU A 18 5.64 -2.93 -5.75
N GLY A 19 4.43 -2.88 -6.29
CA GLY A 19 3.30 -3.61 -5.71
C GLY A 19 3.34 -5.09 -6.11
N THR A 20 2.70 -5.92 -5.32
CA THR A 20 2.73 -7.36 -5.55
C THR A 20 1.36 -8.03 -5.40
N TRP A 21 0.29 -7.27 -5.26
CA TRP A 21 -1.04 -7.88 -5.26
C TRP A 21 -1.36 -8.36 -6.70
N LYS A 22 -1.68 -9.62 -6.84
CA LYS A 22 -2.05 -10.34 -8.06
C LYS A 22 -0.83 -10.78 -8.85
N SER A 23 0.37 -10.49 -8.33
CA SER A 23 1.56 -10.97 -9.03
C SER A 23 1.66 -12.48 -8.88
N PRO A 24 1.58 -13.22 -9.99
CA PRO A 24 1.57 -14.68 -9.81
C PRO A 24 2.82 -15.22 -9.16
N PRO A 25 2.60 -16.23 -8.30
CA PRO A 25 3.77 -16.74 -7.58
C PRO A 25 4.89 -17.23 -8.48
N GLY A 26 4.56 -17.71 -9.67
CA GLY A 26 5.61 -18.15 -10.58
C GLY A 26 6.26 -17.02 -11.36
N GLN A 27 5.78 -15.80 -11.20
CA GLN A 27 6.32 -14.66 -11.91
C GLN A 27 6.94 -13.59 -11.02
N VAL A 28 6.59 -13.62 -9.74
CA VAL A 28 6.93 -12.48 -8.89
C VAL A 28 8.35 -12.58 -8.40
N THR A 29 8.95 -13.77 -8.31
CA THR A 29 10.39 -13.76 -7.98
C THR A 29 11.20 -13.02 -9.03
N GLU A 30 10.98 -13.36 -10.32
CA GLU A 30 11.68 -12.63 -11.35
C GLU A 30 11.29 -11.15 -11.33
N ALA A 31 10.07 -10.81 -11.02
CA ALA A 31 9.63 -9.41 -11.06
C ALA A 31 10.38 -8.61 -10.02
N VAL A 32 10.51 -9.15 -8.81
CA VAL A 32 11.25 -8.42 -7.77
C VAL A 32 12.75 -8.37 -8.05
N LYS A 33 13.33 -9.44 -8.59
CA LYS A 33 14.74 -9.41 -8.98
C LYS A 33 15.01 -8.31 -10.00
N VAL A 34 14.15 -8.25 -11.05
CA VAL A 34 14.28 -7.22 -12.07
C VAL A 34 14.11 -5.86 -11.41
N ALA A 35 13.12 -5.70 -10.53
CA ALA A 35 12.88 -4.40 -9.91
C ALA A 35 14.10 -3.94 -9.14
N ILE A 36 14.69 -4.81 -8.36
CA ILE A 36 15.90 -4.36 -7.63
C ILE A 36 17.01 -4.02 -8.59
N ASP A 37 17.20 -4.84 -9.63
CA ASP A 37 18.26 -4.56 -10.62
C ASP A 37 18.11 -3.15 -11.23
N VAL A 38 16.87 -2.71 -11.47
CA VAL A 38 16.69 -1.43 -12.17
C VAL A 38 16.46 -0.28 -11.20
N GLY A 39 16.57 -0.51 -9.89
CA GLY A 39 16.62 0.55 -8.92
C GLY A 39 15.61 0.59 -7.81
N TYR A 40 14.60 -0.27 -7.88
CA TYR A 40 13.62 -0.24 -6.82
C TYR A 40 14.24 -0.72 -5.51
N ARG A 41 13.85 -0.05 -4.44
CA ARG A 41 14.32 -0.40 -3.11
C ARG A 41 13.19 -0.59 -2.11
N HIS A 42 11.95 -0.50 -2.56
CA HIS A 42 10.76 -0.66 -1.76
C HIS A 42 9.85 -1.66 -2.47
N ILE A 43 9.43 -2.65 -1.67
CA ILE A 43 8.51 -3.68 -2.13
C ILE A 43 7.33 -3.71 -1.18
N ASP A 44 6.15 -3.63 -1.76
CA ASP A 44 4.90 -3.69 -1.00
C ASP A 44 4.29 -5.07 -1.06
N CYS A 45 4.16 -5.70 0.11
CA CYS A 45 3.74 -7.08 0.25
C CYS A 45 2.52 -7.22 1.14
N ALA A 46 1.98 -8.43 1.17
CA ALA A 46 0.97 -8.76 2.16
C ALA A 46 0.79 -10.27 2.25
N HIS A 47 0.54 -10.76 3.46
CA HIS A 47 0.26 -12.19 3.65
C HIS A 47 -0.91 -12.63 2.80
N VAL A 48 -1.94 -11.79 2.72
CA VAL A 48 -3.15 -12.21 2.01
C VAL A 48 -2.87 -12.36 0.52
N TYR A 49 -1.73 -11.85 0.01
CA TYR A 49 -1.43 -11.94 -1.43
C TYR A 49 -0.93 -13.33 -1.81
N GLN A 50 -0.55 -14.12 -0.82
CA GLN A 50 -0.19 -15.53 -0.98
C GLN A 50 1.03 -15.77 -1.84
N ASN A 51 1.89 -14.79 -1.90
CA ASN A 51 3.13 -14.82 -2.69
C ASN A 51 4.36 -14.31 -1.95
N GLU A 52 4.23 -14.12 -0.63
CA GLU A 52 5.39 -13.59 0.10
C GLU A 52 6.57 -14.53 0.08
N ASN A 53 6.37 -15.85 0.03
CA ASN A 53 7.56 -16.72 -0.05
C ASN A 53 8.37 -16.43 -1.30
N GLU A 54 7.70 -16.28 -2.43
CA GLU A 54 8.34 -16.05 -3.70
C GLU A 54 8.96 -14.67 -3.80
N VAL A 55 8.32 -13.67 -3.19
CA VAL A 55 8.97 -12.36 -3.07
C VAL A 55 10.26 -12.46 -2.27
N GLY A 56 10.17 -13.20 -1.17
CA GLY A 56 11.35 -13.40 -0.34
C GLY A 56 12.49 -14.07 -1.06
N VAL A 57 12.20 -15.07 -1.92
CA VAL A 57 13.30 -15.69 -2.66
C VAL A 57 14.09 -14.62 -3.40
N ALA A 58 13.36 -13.65 -3.99
CA ALA A 58 14.03 -12.62 -4.78
C ALA A 58 14.89 -11.71 -3.92
N ILE A 59 14.33 -11.31 -2.80
CA ILE A 59 15.02 -10.40 -1.90
C ILE A 59 16.30 -11.07 -1.39
N GLN A 60 16.15 -12.33 -0.98
CA GLN A 60 17.29 -13.07 -0.46
C GLN A 60 18.35 -13.25 -1.54
N GLU A 61 18.01 -13.58 -2.78
CA GLU A 61 19.03 -13.78 -3.80
C GLU A 61 19.77 -12.47 -4.04
N LYS A 62 19.05 -11.33 -3.99
CA LYS A 62 19.76 -10.09 -4.32
C LYS A 62 20.62 -9.64 -3.15
N LEU A 63 20.20 -9.92 -1.92
CA LEU A 63 21.07 -9.72 -0.77
C LEU A 63 22.29 -10.64 -0.84
N ARG A 64 22.13 -11.91 -1.20
CA ARG A 64 23.25 -12.83 -1.21
C ARG A 64 24.23 -12.45 -2.32
N GLU A 65 23.70 -11.99 -3.45
CA GLU A 65 24.44 -11.58 -4.63
C GLU A 65 25.15 -10.25 -4.41
N GLN A 66 24.84 -9.58 -3.33
CA GLN A 66 25.39 -8.26 -2.98
C GLN A 66 25.04 -7.19 -3.99
N VAL A 67 23.83 -7.30 -4.57
CA VAL A 67 23.26 -6.26 -5.46
C VAL A 67 22.81 -5.09 -4.60
N VAL A 68 22.39 -5.40 -3.39
CA VAL A 68 21.91 -4.42 -2.41
C VAL A 68 22.17 -4.93 -0.99
N LYS A 69 22.24 -4.00 -0.04
CA LYS A 69 22.32 -4.28 1.36
C LYS A 69 20.93 -4.21 1.99
N ARG A 70 20.74 -4.96 3.07
CA ARG A 70 19.40 -4.93 3.67
C ARG A 70 19.00 -3.53 4.10
N GLU A 71 19.93 -2.74 4.61
CA GLU A 71 19.63 -1.40 5.11
C GLU A 71 19.09 -0.50 4.01
N GLU A 72 19.40 -0.83 2.77
CA GLU A 72 19.02 -0.07 1.58
C GLU A 72 17.63 -0.44 1.09
N LEU A 73 17.10 -1.54 1.56
CA LEU A 73 15.75 -1.99 1.20
C LEU A 73 14.73 -1.52 2.22
N PHE A 74 13.52 -1.32 1.69
CA PHE A 74 12.36 -0.88 2.49
C PHE A 74 11.23 -1.86 2.20
N ILE A 75 11.06 -2.84 3.11
CA ILE A 75 10.11 -3.88 2.86
C ILE A 75 8.89 -3.70 3.77
N VAL A 76 7.73 -3.65 3.14
CA VAL A 76 6.46 -3.42 3.77
C VAL A 76 5.58 -4.65 3.65
N SER A 77 4.92 -5.00 4.74
CA SER A 77 3.87 -5.98 4.66
C SER A 77 2.73 -5.54 5.57
N LYS A 78 1.67 -6.34 5.64
CA LYS A 78 0.41 -5.98 6.21
C LYS A 78 -0.24 -7.14 6.99
N LEU A 79 -0.78 -6.78 8.14
CA LEU A 79 -1.49 -7.67 9.03
C LEU A 79 -2.88 -7.94 8.45
N TRP A 80 -3.24 -9.18 8.13
CA TRP A 80 -4.55 -9.46 7.55
C TRP A 80 -5.66 -9.38 8.61
N CYS A 81 -6.87 -9.14 8.21
CA CYS A 81 -8.06 -8.91 8.98
C CYS A 81 -8.34 -10.03 9.98
N THR A 82 -7.98 -11.27 9.69
CA THR A 82 -8.32 -12.36 10.58
C THR A 82 -7.31 -12.52 11.71
N TYR A 83 -6.39 -11.57 11.81
CA TYR A 83 -5.39 -11.65 12.86
C TYR A 83 -5.37 -10.39 13.72
N HIS A 84 -6.49 -9.70 13.88
CA HIS A 84 -6.47 -8.49 14.72
C HIS A 84 -6.48 -8.75 16.21
N GLU A 85 -6.85 -9.90 16.67
CA GLU A 85 -6.72 -10.24 18.08
C GLU A 85 -5.29 -10.07 18.59
N LYS A 86 -5.11 -9.53 19.78
CA LYS A 86 -3.77 -9.31 20.31
C LYS A 86 -2.90 -10.55 20.27
N GLY A 87 -3.50 -11.67 20.63
CA GLY A 87 -2.68 -12.88 20.72
C GLY A 87 -2.26 -13.42 19.36
N LEU A 88 -2.73 -12.88 18.24
CA LEU A 88 -2.41 -13.45 16.92
C LEU A 88 -1.46 -12.58 16.13
N VAL A 89 -1.30 -11.34 16.55
CA VAL A 89 -0.52 -10.37 15.77
C VAL A 89 0.93 -10.78 15.65
N LYS A 90 1.58 -11.19 16.72
CA LYS A 90 3.02 -11.48 16.57
C LYS A 90 3.23 -12.64 15.63
N GLY A 91 2.45 -13.70 15.76
CA GLY A 91 2.55 -14.83 14.89
C GLY A 91 2.37 -14.53 13.42
N ALA A 92 1.35 -13.68 13.16
CA ALA A 92 1.09 -13.23 11.78
C ALA A 92 2.31 -12.50 11.24
N CYS A 93 2.89 -11.61 12.08
CA CYS A 93 4.09 -10.91 11.62
C CYS A 93 5.25 -11.85 11.36
N GLN A 94 5.42 -12.81 12.28
CA GLN A 94 6.55 -13.73 12.19
C GLN A 94 6.40 -14.65 10.99
N LYS A 95 5.18 -15.01 10.64
CA LYS A 95 5.02 -15.80 9.40
C LYS A 95 5.43 -15.02 8.16
N THR A 96 5.00 -13.76 8.10
CA THR A 96 5.46 -12.85 7.04
C THR A 96 6.98 -12.76 7.06
N LEU A 97 7.59 -12.57 8.22
CA LEU A 97 9.02 -12.46 8.26
C LEU A 97 9.68 -13.73 7.74
N SER A 98 9.14 -14.89 8.12
CA SER A 98 9.74 -16.16 7.72
C SER A 98 9.59 -16.35 6.20
N ASP A 99 8.41 -16.03 5.68
CA ASP A 99 8.24 -16.19 4.25
C ASP A 99 9.13 -15.22 3.45
N LEU A 100 9.26 -13.98 3.90
CA LEU A 100 10.07 -13.00 3.19
C LEU A 100 11.56 -13.20 3.44
N LYS A 101 11.93 -14.07 4.37
CA LYS A 101 13.27 -14.41 4.83
C LYS A 101 14.02 -13.19 5.33
N LEU A 102 13.27 -12.45 6.13
CA LEU A 102 13.78 -11.26 6.78
C LEU A 102 13.77 -11.39 8.30
N ASP A 103 14.63 -10.58 8.92
CA ASP A 103 14.55 -10.54 10.37
C ASP A 103 13.85 -9.28 10.90
N TYR A 104 13.49 -8.31 10.08
CA TYR A 104 12.62 -7.22 10.42
C TYR A 104 11.93 -6.76 9.15
N LEU A 105 10.79 -6.11 9.31
CA LEU A 105 10.14 -5.34 8.28
C LEU A 105 10.43 -3.87 8.52
N ASP A 106 10.56 -3.14 7.42
CA ASP A 106 10.69 -1.69 7.59
C ASP A 106 9.37 -1.03 7.95
N LEU A 107 8.26 -1.63 7.54
CA LEU A 107 6.94 -1.05 7.84
C LEU A 107 5.92 -2.17 7.87
N TYR A 108 5.12 -2.26 8.91
CA TYR A 108 4.02 -3.22 8.97
C TYR A 108 2.74 -2.45 9.20
N LEU A 109 1.78 -2.73 8.31
CA LEU A 109 0.49 -2.01 8.32
C LEU A 109 -0.68 -2.86 8.76
N ILE A 110 -1.63 -2.23 9.45
CA ILE A 110 -2.92 -2.91 9.61
C ILE A 110 -3.61 -2.84 8.27
N HIS A 111 -3.89 -3.98 7.63
CA HIS A 111 -4.26 -3.96 6.21
C HIS A 111 -5.58 -3.24 5.99
N TRP A 112 -6.56 -3.50 6.85
CA TRP A 112 -7.88 -2.87 6.88
C TRP A 112 -8.31 -2.59 8.31
N PRO A 113 -9.14 -1.60 8.57
CA PRO A 113 -9.64 -1.37 9.94
C PRO A 113 -10.59 -2.47 10.40
N THR A 114 -11.14 -3.27 9.49
CA THR A 114 -12.08 -4.31 9.79
C THR A 114 -11.44 -5.62 10.24
N GLY A 115 -11.68 -6.01 11.48
CA GLY A 115 -11.28 -7.33 11.93
C GLY A 115 -12.35 -8.37 11.55
N PHE A 116 -11.87 -9.55 11.13
CA PHE A 116 -12.68 -10.71 10.83
C PHE A 116 -12.40 -11.86 11.80
N LYS A 117 -13.37 -12.75 11.96
CA LYS A 117 -13.23 -13.93 12.80
C LYS A 117 -11.96 -14.69 12.48
N PRO A 118 -11.13 -15.06 13.43
CA PRO A 118 -9.96 -15.87 13.09
C PRO A 118 -10.30 -17.29 12.65
N GLY A 119 -9.35 -17.80 11.88
CA GLY A 119 -9.40 -19.14 11.36
C GLY A 119 -8.69 -19.23 10.02
N LYS A 120 -8.81 -20.35 9.31
CA LYS A 120 -8.08 -20.51 8.08
C LYS A 120 -8.59 -19.65 6.93
N GLU A 121 -9.85 -19.33 6.89
CA GLU A 121 -10.47 -18.56 5.83
C GLU A 121 -10.08 -17.08 5.98
N PHE A 122 -9.64 -16.35 5.00
CA PHE A 122 -9.22 -14.98 4.97
C PHE A 122 -10.48 -14.10 4.96
N PHE A 123 -11.56 -14.63 4.38
CA PHE A 123 -12.84 -13.96 4.36
C PHE A 123 -13.95 -14.89 4.86
N PRO A 124 -14.00 -15.06 6.19
CA PRO A 124 -15.00 -15.95 6.75
C PRO A 124 -16.38 -15.36 6.49
N LEU A 125 -17.28 -16.16 5.97
CA LEU A 125 -18.61 -15.71 5.63
C LEU A 125 -19.69 -16.44 6.43
N ASP A 126 -20.79 -15.72 6.68
CA ASP A 126 -22.00 -16.35 7.18
C ASP A 126 -22.78 -16.96 6.00
N GLU A 127 -23.93 -17.54 6.22
CA GLU A 127 -24.67 -18.25 5.19
C GLU A 127 -25.14 -17.35 4.03
N SER A 128 -25.35 -16.07 4.27
CA SER A 128 -25.79 -15.15 3.24
C SER A 128 -24.65 -14.29 2.72
N GLY A 129 -23.39 -14.68 2.98
CA GLY A 129 -22.28 -13.99 2.37
C GLY A 129 -21.81 -12.72 3.00
N ASN A 130 -22.25 -12.41 4.21
CA ASN A 130 -21.71 -11.30 4.97
C ASN A 130 -20.41 -11.73 5.62
N VAL A 131 -19.41 -10.86 5.67
CA VAL A 131 -18.17 -11.26 6.34
C VAL A 131 -18.48 -11.40 7.83
N VAL A 132 -17.85 -12.34 8.52
CA VAL A 132 -18.05 -12.51 9.95
C VAL A 132 -17.05 -11.65 10.72
N PRO A 133 -17.46 -10.61 11.41
CA PRO A 133 -16.51 -9.75 12.10
C PRO A 133 -15.88 -10.42 13.33
N SER A 134 -14.74 -9.84 13.77
CA SER A 134 -14.23 -10.11 15.09
C SER A 134 -14.59 -8.94 16.01
N ASP A 135 -14.62 -9.19 17.32
CA ASP A 135 -14.93 -8.17 18.31
C ASP A 135 -13.71 -7.39 18.76
N THR A 136 -12.55 -7.57 18.17
CA THR A 136 -11.39 -6.81 18.58
C THR A 136 -11.50 -5.36 18.14
N ASN A 137 -11.10 -4.37 18.95
CA ASN A 137 -11.21 -3.08 18.23
C ASN A 137 -9.83 -2.52 17.88
N ILE A 138 -9.87 -1.57 16.95
CA ILE A 138 -8.68 -1.10 16.30
C ILE A 138 -7.62 -0.65 17.30
N LEU A 139 -8.03 -0.11 18.43
CA LEU A 139 -7.06 0.40 19.41
C LEU A 139 -6.30 -0.73 20.08
N ASP A 140 -6.92 -1.85 20.37
CA ASP A 140 -6.13 -2.95 20.92
C ASP A 140 -5.22 -3.54 19.86
N THR A 141 -5.70 -3.62 18.62
CA THR A 141 -4.81 -4.10 17.56
C THR A 141 -3.58 -3.22 17.46
N TRP A 142 -3.82 -1.90 17.54
CA TRP A 142 -2.73 -0.93 17.45
C TRP A 142 -1.73 -1.18 18.56
N ALA A 143 -2.18 -1.46 19.80
CA ALA A 143 -1.22 -1.68 20.88
C ALA A 143 -0.43 -2.93 20.58
N ALA A 144 -1.02 -3.91 19.90
CA ALA A 144 -0.27 -5.10 19.54
C ALA A 144 0.80 -4.79 18.47
N MET A 145 0.43 -3.88 17.56
CA MET A 145 1.41 -3.41 16.59
C MET A 145 2.57 -2.70 17.27
N GLU A 146 2.31 -1.89 18.31
CA GLU A 146 3.35 -1.14 18.99
C GLU A 146 4.31 -2.16 19.62
N GLU A 147 3.78 -3.29 20.10
CA GLU A 147 4.66 -4.26 20.72
C GLU A 147 5.69 -4.78 19.72
N LEU A 148 5.29 -4.90 18.44
CA LEU A 148 6.23 -5.42 17.46
C LEU A 148 7.42 -4.50 17.27
N VAL A 149 7.24 -3.21 17.39
CA VAL A 149 8.32 -2.24 17.30
C VAL A 149 9.25 -2.48 18.47
N ASP A 150 8.62 -2.64 19.63
CA ASP A 150 9.40 -2.82 20.84
C ASP A 150 10.08 -4.17 20.98
N GLU A 151 9.75 -5.12 20.14
CA GLU A 151 10.41 -6.41 20.08
C GLU A 151 11.40 -6.50 18.94
N GLY A 152 11.55 -5.45 18.17
CA GLY A 152 12.48 -5.42 17.08
C GLY A 152 12.01 -6.09 15.81
N LEU A 153 10.76 -6.52 15.75
CA LEU A 153 10.31 -7.22 14.54
C LEU A 153 10.06 -6.27 13.38
N VAL A 154 9.68 -5.04 13.63
CA VAL A 154 9.33 -4.03 12.65
C VAL A 154 9.93 -2.70 13.10
N LYS A 155 10.40 -1.95 12.10
CA LYS A 155 10.95 -0.62 12.41
C LYS A 155 9.89 0.48 12.49
N ALA A 156 8.74 0.32 11.85
CA ALA A 156 7.67 1.28 11.76
C ALA A 156 6.37 0.49 11.61
N ILE A 157 5.33 1.12 12.15
CA ILE A 157 4.00 0.60 12.00
C ILE A 157 3.10 1.67 11.41
N GLY A 158 2.08 1.19 10.72
CA GLY A 158 1.08 2.08 10.15
C GLY A 158 -0.23 1.38 9.90
N ILE A 159 -1.06 2.06 9.10
CA ILE A 159 -2.44 1.66 8.82
C ILE A 159 -2.75 1.74 7.33
N SER A 160 -3.87 1.15 6.90
CA SER A 160 -4.23 1.14 5.48
C SER A 160 -5.74 1.13 5.35
N ASN A 161 -6.28 1.90 4.40
CA ASN A 161 -7.73 1.96 4.27
C ASN A 161 -8.44 2.46 5.52
N PHE A 162 -7.77 3.25 6.36
CA PHE A 162 -8.39 3.99 7.45
C PHE A 162 -8.93 5.36 6.97
N ASN A 163 -10.18 5.64 7.35
CA ASN A 163 -10.81 6.92 7.02
C ASN A 163 -10.35 7.93 8.07
N HIS A 164 -10.70 9.18 7.90
CA HIS A 164 -10.19 10.24 8.76
C HIS A 164 -10.62 10.04 10.21
N LEU A 165 -11.87 9.65 10.48
CA LEU A 165 -12.31 9.37 11.84
C LEU A 165 -11.49 8.21 12.45
N GLN A 166 -11.12 7.25 11.61
CA GLN A 166 -10.37 6.10 12.11
C GLN A 166 -8.92 6.43 12.39
N VAL A 167 -8.36 7.31 11.53
CA VAL A 167 -7.00 7.77 11.84
C VAL A 167 -7.04 8.55 13.15
N GLU A 168 -8.03 9.43 13.23
CA GLU A 168 -8.20 10.26 14.41
C GLU A 168 -8.32 9.42 15.68
N MET A 169 -9.04 8.30 15.58
CA MET A 169 -9.23 7.39 16.70
C MET A 169 -7.86 6.85 17.16
N ILE A 170 -7.02 6.44 16.23
CA ILE A 170 -5.68 6.00 16.64
C ILE A 170 -4.93 7.17 17.24
N LEU A 171 -5.02 8.32 16.57
CA LEU A 171 -4.21 9.42 17.12
C LEU A 171 -4.66 9.83 18.52
N ASN A 172 -5.94 9.64 18.81
CA ASN A 172 -6.46 9.99 20.13
C ASN A 172 -6.48 8.77 21.04
N LYS A 173 -5.86 7.65 20.66
CA LYS A 173 -5.87 6.49 21.53
C LYS A 173 -5.26 6.79 22.90
N PRO A 174 -5.94 6.42 23.96
CA PRO A 174 -5.33 6.66 25.27
C PRO A 174 -4.03 5.88 25.40
N GLY A 175 -2.97 6.46 25.91
CA GLY A 175 -1.69 5.81 26.10
C GLY A 175 -0.96 5.50 24.80
N LEU A 176 -1.33 6.14 23.69
CA LEU A 176 -0.68 5.95 22.39
C LEU A 176 0.84 6.07 22.54
N LYS A 177 1.52 5.03 22.04
CA LYS A 177 2.96 5.02 22.18
C LYS A 177 3.70 5.40 20.89
N TYR A 178 3.26 4.88 19.75
CA TYR A 178 3.82 5.26 18.47
C TYR A 178 2.65 5.64 17.54
N LYS A 179 2.74 6.83 16.94
CA LYS A 179 1.85 7.27 15.90
C LYS A 179 2.04 6.40 14.66
N PRO A 180 0.94 6.21 13.93
CA PRO A 180 1.09 5.55 12.61
C PRO A 180 2.09 6.34 11.78
N ALA A 181 2.98 5.67 11.06
CA ALA A 181 3.92 6.33 10.20
C ALA A 181 3.36 6.59 8.81
N VAL A 182 2.46 5.73 8.38
CA VAL A 182 1.90 5.70 7.04
C VAL A 182 0.42 5.34 7.10
N ASN A 183 -0.37 5.93 6.20
CA ASN A 183 -1.68 5.44 5.87
C ASN A 183 -1.65 5.11 4.38
N GLN A 184 -1.80 3.83 4.05
CA GLN A 184 -1.82 3.43 2.64
C GLN A 184 -3.26 3.31 2.15
N ILE A 185 -3.55 4.12 1.14
CA ILE A 185 -4.94 4.26 0.65
C ILE A 185 -4.97 4.26 -0.86
N GLU A 186 -6.11 3.91 -1.44
CA GLU A 186 -6.33 4.04 -2.87
C GLU A 186 -6.28 5.51 -3.29
N CYS A 187 -5.49 5.77 -4.35
CA CYS A 187 -5.42 7.17 -4.78
C CYS A 187 -4.96 7.25 -6.24
N HIS A 188 -5.69 7.96 -7.07
CA HIS A 188 -5.39 8.12 -8.46
C HIS A 188 -6.28 9.23 -9.03
N PRO A 189 -6.16 9.67 -10.27
CA PRO A 189 -7.00 10.80 -10.71
C PRO A 189 -8.50 10.65 -10.62
N TYR A 190 -9.10 9.51 -10.62
CA TYR A 190 -10.51 9.26 -10.36
C TYR A 190 -10.89 9.11 -8.89
N LEU A 191 -9.94 9.11 -7.96
CA LEU A 191 -10.16 9.07 -6.53
C LEU A 191 -9.01 9.81 -5.86
N THR A 192 -9.10 11.14 -5.91
CA THR A 192 -7.99 12.00 -5.56
C THR A 192 -7.80 12.20 -4.05
N GLN A 193 -8.80 11.99 -3.21
CA GLN A 193 -8.52 11.92 -1.79
C GLN A 193 -7.97 13.20 -1.19
N GLU A 194 -8.33 14.41 -1.68
CA GLU A 194 -7.73 15.61 -1.12
C GLU A 194 -7.96 15.74 0.39
N LYS A 195 -9.17 15.49 0.90
CA LYS A 195 -9.45 15.73 2.32
C LYS A 195 -8.66 14.80 3.22
N LEU A 196 -8.65 13.51 2.91
CA LEU A 196 -7.96 12.52 3.76
C LEU A 196 -6.46 12.69 3.69
N ILE A 197 -5.97 12.98 2.46
CA ILE A 197 -4.53 13.23 2.35
C ILE A 197 -4.10 14.46 3.15
N GLN A 198 -4.85 15.58 3.04
CA GLN A 198 -4.33 16.74 3.79
C GLN A 198 -4.42 16.46 5.28
N TYR A 199 -5.39 15.69 5.74
CA TYR A 199 -5.50 15.45 7.18
C TYR A 199 -4.29 14.66 7.66
N CYS A 200 -4.03 13.57 6.94
CA CYS A 200 -2.90 12.72 7.28
C CYS A 200 -1.61 13.51 7.23
N GLN A 201 -1.33 14.24 6.16
CA GLN A 201 -0.09 15.01 6.10
C GLN A 201 0.00 16.03 7.21
N SER A 202 -1.13 16.64 7.58
CA SER A 202 -1.05 17.65 8.63
C SER A 202 -0.67 17.04 9.98
N LYS A 203 -0.87 15.72 10.10
CA LYS A 203 -0.49 15.02 11.31
C LYS A 203 0.86 14.33 11.21
N GLY A 204 1.59 14.61 10.12
CA GLY A 204 2.88 13.98 9.96
C GLY A 204 2.86 12.52 9.57
N ILE A 205 1.74 12.00 9.12
CA ILE A 205 1.53 10.64 8.60
C ILE A 205 1.75 10.68 7.10
N VAL A 206 2.66 9.88 6.56
CA VAL A 206 2.91 9.80 5.14
C VAL A 206 1.85 8.92 4.48
N VAL A 207 1.38 9.38 3.32
CA VAL A 207 0.34 8.64 2.61
C VAL A 207 0.98 7.90 1.44
N THR A 208 0.66 6.61 1.36
CA THR A 208 1.02 5.78 0.22
C THR A 208 -0.21 5.59 -0.66
N ALA A 209 -0.09 5.89 -1.95
CA ALA A 209 -1.13 5.70 -2.95
C ALA A 209 -1.03 4.32 -3.59
N TYR A 210 -2.10 3.57 -3.41
CA TYR A 210 -2.19 2.28 -4.09
C TYR A 210 -3.10 2.35 -5.32
N SER A 211 -3.09 1.31 -6.14
CA SER A 211 -3.76 1.22 -7.42
C SER A 211 -3.61 2.50 -8.25
N PRO A 212 -2.38 3.03 -8.37
CA PRO A 212 -2.21 4.33 -9.02
C PRO A 212 -2.55 4.28 -10.50
N LEU A 213 -2.55 3.08 -11.10
CA LEU A 213 -2.86 2.88 -12.49
C LEU A 213 -4.33 2.45 -12.69
N GLY A 214 -5.09 2.43 -11.59
CA GLY A 214 -6.47 2.01 -11.64
C GLY A 214 -6.64 0.50 -11.65
N SER A 215 -5.58 -0.24 -11.35
CA SER A 215 -5.70 -1.69 -11.21
C SER A 215 -6.39 -2.40 -12.35
N PRO A 216 -5.93 -2.20 -13.58
CA PRO A 216 -6.60 -2.86 -14.70
C PRO A 216 -6.67 -4.39 -14.58
N ASP A 217 -5.86 -5.05 -13.80
CA ASP A 217 -6.02 -6.49 -13.62
C ASP A 217 -6.84 -6.86 -12.39
N ARG A 218 -7.52 -5.93 -11.73
CA ARG A 218 -8.38 -6.33 -10.61
C ARG A 218 -9.40 -7.37 -11.08
N PRO A 219 -9.72 -8.37 -10.28
CA PRO A 219 -10.58 -9.45 -10.74
C PRO A 219 -12.00 -9.07 -11.12
N TRP A 220 -12.50 -7.92 -10.70
CA TRP A 220 -13.92 -7.61 -10.91
C TRP A 220 -14.10 -6.51 -11.95
N ALA A 221 -13.12 -6.25 -12.80
CA ALA A 221 -13.21 -5.16 -13.78
C ALA A 221 -14.44 -5.35 -14.67
N LYS A 222 -15.11 -4.25 -14.97
CA LYS A 222 -16.35 -4.21 -15.73
C LYS A 222 -16.20 -3.19 -16.85
N PRO A 223 -16.73 -3.52 -18.01
CA PRO A 223 -16.54 -2.78 -19.25
C PRO A 223 -16.70 -1.29 -19.00
N GLU A 224 -17.84 -1.01 -18.38
CA GLU A 224 -18.35 0.33 -18.17
C GLU A 224 -17.45 1.12 -17.22
N ASP A 225 -16.47 0.46 -16.60
CA ASP A 225 -15.58 1.07 -15.64
C ASP A 225 -14.72 2.12 -16.32
N PRO A 226 -14.44 3.22 -15.61
CA PRO A 226 -13.48 4.17 -16.20
C PRO A 226 -12.11 3.51 -16.30
N SER A 227 -11.26 3.95 -17.22
CA SER A 227 -9.95 3.37 -17.39
C SER A 227 -8.92 4.50 -17.46
N LEU A 228 -8.12 4.65 -16.41
CA LEU A 228 -7.07 5.68 -16.39
C LEU A 228 -6.11 5.57 -17.54
N LEU A 229 -5.66 4.34 -17.78
CA LEU A 229 -4.61 4.18 -18.76
C LEU A 229 -5.10 4.54 -20.15
N GLU A 230 -6.40 4.50 -20.35
CA GLU A 230 -6.98 4.69 -21.67
C GLU A 230 -7.63 6.07 -21.80
N ASP A 231 -7.57 6.86 -20.73
CA ASP A 231 -8.24 8.16 -20.72
C ASP A 231 -7.50 9.11 -21.64
N PRO A 232 -8.16 9.58 -22.70
CA PRO A 232 -7.41 10.41 -23.67
C PRO A 232 -6.83 11.69 -23.09
N ARG A 233 -7.44 12.18 -22.02
CA ARG A 233 -7.01 13.41 -21.39
C ARG A 233 -5.67 13.19 -20.69
N ILE A 234 -5.56 11.98 -20.15
CA ILE A 234 -4.27 11.68 -19.49
C ILE A 234 -3.23 11.31 -20.54
N LYS A 235 -3.62 10.59 -21.58
CA LYS A 235 -2.71 10.28 -22.68
C LYS A 235 -2.11 11.56 -23.25
N ALA A 236 -2.92 12.62 -23.32
CA ALA A 236 -2.46 13.86 -23.90
C ALA A 236 -1.38 14.53 -23.07
N ILE A 237 -1.55 14.51 -21.76
CA ILE A 237 -0.55 15.09 -20.86
C ILE A 237 0.75 14.31 -21.01
N ALA A 238 0.60 12.99 -21.03
CA ALA A 238 1.77 12.14 -21.26
C ALA A 238 2.48 12.50 -22.56
N ALA A 239 1.74 12.65 -23.65
CA ALA A 239 2.25 12.94 -24.99
C ALA A 239 3.06 14.24 -24.93
N LYS A 240 2.51 15.20 -24.19
CA LYS A 240 3.08 16.54 -24.10
C LYS A 240 4.45 16.45 -23.44
N HIS A 241 4.59 15.59 -22.44
CA HIS A 241 5.85 15.41 -21.74
C HIS A 241 6.70 14.30 -22.32
N ASN A 242 6.24 13.66 -23.39
CA ASN A 242 7.01 12.58 -24.02
C ASN A 242 7.28 11.44 -23.04
N LYS A 243 6.25 11.09 -22.27
CA LYS A 243 6.32 10.01 -21.30
C LYS A 243 5.16 9.06 -21.56
N THR A 244 5.13 7.90 -20.89
CA THR A 244 3.91 7.11 -21.09
C THR A 244 2.86 7.55 -20.07
N THR A 245 1.64 7.09 -20.35
CA THR A 245 0.49 7.40 -19.48
C THR A 245 0.76 6.89 -18.07
N ALA A 246 1.27 5.63 -18.05
CA ALA A 246 1.59 5.11 -16.71
C ALA A 246 2.58 5.97 -15.95
N GLN A 247 3.58 6.58 -16.53
CA GLN A 247 4.63 7.40 -15.99
C GLN A 247 3.99 8.66 -15.46
N VAL A 248 3.03 9.19 -16.22
CA VAL A 248 2.27 10.33 -15.69
C VAL A 248 1.51 9.96 -14.43
N LEU A 249 0.87 8.80 -14.44
CA LEU A 249 0.04 8.36 -13.31
C LEU A 249 0.89 8.04 -12.08
N ILE A 250 2.15 7.69 -12.27
CA ILE A 250 3.08 7.45 -11.15
C ILE A 250 3.68 8.76 -10.65
N ARG A 251 4.03 9.65 -11.58
CA ARG A 251 4.58 10.93 -11.17
C ARG A 251 3.58 11.81 -10.41
N PHE A 252 2.31 11.71 -10.80
CA PHE A 252 1.28 12.53 -10.20
C PHE A 252 1.25 12.40 -8.69
N PRO A 253 1.10 11.23 -8.08
CA PRO A 253 1.16 11.19 -6.62
C PRO A 253 2.52 11.60 -6.07
N MET A 254 3.63 11.35 -6.76
CA MET A 254 4.91 11.76 -6.21
C MET A 254 4.92 13.27 -5.99
N GLN A 255 4.28 14.04 -6.86
CA GLN A 255 4.32 15.50 -6.66
C GLN A 255 3.33 16.00 -5.63
N ARG A 256 2.52 15.14 -5.06
CA ARG A 256 1.64 15.44 -3.95
C ARG A 256 2.28 15.02 -2.62
N ASN A 257 3.57 14.73 -2.66
CA ASN A 257 4.33 14.25 -1.52
C ASN A 257 3.82 12.91 -1.03
N LEU A 258 3.30 12.08 -1.93
CA LEU A 258 2.92 10.72 -1.64
C LEU A 258 4.00 9.72 -2.07
N VAL A 259 3.96 8.55 -1.46
CA VAL A 259 4.62 7.33 -1.85
C VAL A 259 3.70 6.60 -2.83
N VAL A 260 4.23 5.95 -3.87
CA VAL A 260 3.38 5.28 -4.84
C VAL A 260 3.92 3.91 -5.17
N ILE A 261 3.06 2.95 -5.38
CA ILE A 261 3.46 1.54 -5.46
C ILE A 261 2.81 0.79 -6.61
N PRO A 262 3.12 1.20 -7.85
CA PRO A 262 2.57 0.53 -9.02
C PRO A 262 3.04 -0.93 -9.07
N LYS A 263 2.09 -1.82 -9.43
CA LYS A 263 2.40 -3.23 -9.61
C LYS A 263 2.67 -3.59 -11.05
N SER A 264 3.69 -4.43 -11.27
CA SER A 264 3.85 -5.06 -12.57
C SER A 264 4.67 -6.34 -12.37
N VAL A 265 4.42 -7.35 -13.19
CA VAL A 265 5.29 -8.49 -13.37
C VAL A 265 5.94 -8.53 -14.76
N THR A 266 5.78 -7.43 -15.47
CA THR A 266 6.33 -7.33 -16.82
C THR A 266 7.66 -6.59 -16.78
N PRO A 267 8.78 -7.25 -17.05
CA PRO A 267 10.08 -6.58 -16.90
C PRO A 267 10.19 -5.20 -17.55
N GLU A 268 9.67 -5.04 -18.76
CA GLU A 268 9.80 -3.77 -19.47
C GLU A 268 9.00 -2.66 -18.79
N ARG A 269 7.85 -3.07 -18.23
CA ARG A 269 7.04 -2.12 -17.48
C ARG A 269 7.63 -1.78 -16.12
N ILE A 270 8.16 -2.79 -15.46
CA ILE A 270 8.87 -2.52 -14.19
C ILE A 270 9.91 -1.44 -14.41
N ALA A 271 10.73 -1.58 -15.47
CA ALA A 271 11.74 -0.57 -15.75
C ALA A 271 11.12 0.79 -16.12
N GLU A 272 10.11 0.78 -16.98
CA GLU A 272 9.43 1.98 -17.45
C GLU A 272 8.89 2.79 -16.28
N ASN A 273 8.31 2.07 -15.33
CA ASN A 273 7.62 2.67 -14.22
C ASN A 273 8.54 3.36 -13.23
N PHE A 274 9.81 2.94 -13.24
CA PHE A 274 10.79 3.59 -12.36
C PHE A 274 11.39 4.85 -12.97
N LYS A 275 11.18 5.05 -14.25
CA LYS A 275 11.78 6.18 -14.97
C LYS A 275 10.86 7.39 -14.97
N VAL A 276 10.71 7.91 -13.75
CA VAL A 276 9.79 8.95 -13.41
C VAL A 276 10.45 10.05 -12.58
N PHE A 277 11.76 10.02 -12.40
CA PHE A 277 12.44 11.02 -11.60
C PHE A 277 13.11 12.09 -12.46
N ASP A 278 12.92 12.12 -13.75
CA ASP A 278 13.59 13.02 -14.67
C ASP A 278 12.61 13.92 -15.42
N PHE A 279 11.39 14.06 -14.91
CA PHE A 279 10.48 15.06 -15.46
C PHE A 279 9.52 15.57 -14.38
N GLU A 280 8.90 16.70 -14.71
CA GLU A 280 7.95 17.35 -13.81
C GLU A 280 6.62 17.69 -14.44
N LEU A 281 5.55 17.29 -13.79
CA LEU A 281 4.26 17.85 -14.17
C LEU A 281 4.10 19.27 -13.66
N SER A 282 3.49 20.12 -14.44
CA SER A 282 3.24 21.49 -14.02
C SER A 282 2.12 21.56 -12.99
N SER A 283 2.05 22.66 -12.28
CA SER A 283 0.95 22.87 -11.37
C SER A 283 -0.37 22.73 -12.12
N GLN A 284 -0.39 23.23 -13.34
CA GLN A 284 -1.64 23.18 -14.11
C GLN A 284 -1.98 21.74 -14.46
N ASP A 285 -0.93 20.99 -14.86
CA ASP A 285 -1.14 19.56 -15.12
C ASP A 285 -1.73 18.87 -13.89
N MET A 286 -1.14 19.17 -12.73
CA MET A 286 -1.57 18.57 -11.48
C MET A 286 -3.02 18.90 -11.14
N THR A 287 -3.37 20.18 -11.27
CA THR A 287 -4.77 20.58 -11.00
C THR A 287 -5.71 19.97 -12.02
N THR A 288 -5.23 19.85 -13.27
CA THR A 288 -6.05 19.17 -14.28
C THR A 288 -6.28 17.71 -13.94
N LEU A 289 -5.24 17.02 -13.48
CA LEU A 289 -5.41 15.61 -13.11
C LEU A 289 -6.33 15.45 -11.90
N LEU A 290 -6.23 16.38 -10.95
CA LEU A 290 -7.08 16.36 -9.78
C LEU A 290 -8.53 16.56 -10.18
N SER A 291 -8.77 17.29 -11.27
CA SER A 291 -10.15 17.58 -11.67
C SER A 291 -10.85 16.35 -12.18
N TYR A 292 -10.14 15.26 -12.44
CA TYR A 292 -10.82 14.07 -12.99
C TYR A 292 -11.47 13.24 -11.89
N ASN A 293 -11.39 13.70 -10.64
CA ASN A 293 -11.94 12.92 -9.53
C ASN A 293 -13.39 12.54 -9.78
N ARG A 294 -13.71 11.28 -9.55
CA ARG A 294 -15.13 10.92 -9.57
C ARG A 294 -15.48 9.99 -8.42
N ASN A 295 -14.64 9.90 -7.40
CA ASN A 295 -14.88 9.01 -6.27
C ASN A 295 -15.09 7.56 -6.69
N TRP A 296 -14.24 7.13 -7.61
CA TRP A 296 -14.27 5.76 -8.13
C TRP A 296 -13.27 4.84 -7.41
N ARG A 297 -13.75 3.78 -6.78
CA ARG A 297 -12.85 2.88 -6.06
C ARG A 297 -12.72 1.47 -6.65
N VAL A 298 -11.47 1.07 -6.78
CA VAL A 298 -11.09 -0.29 -7.17
C VAL A 298 -11.44 -1.23 -6.02
N CYS A 299 -11.10 -0.76 -4.81
CA CYS A 299 -11.14 -1.61 -3.66
C CYS A 299 -12.18 -1.18 -2.62
N ALA A 300 -13.31 -1.84 -2.64
CA ALA A 300 -14.40 -1.62 -1.68
C ALA A 300 -15.36 -2.78 -1.56
N LEU A 301 -15.22 -3.85 -0.78
CA LEU A 301 -16.04 -5.03 -0.99
C LEU A 301 -17.42 -5.04 -0.35
N LEU A 302 -18.39 -5.40 -1.18
CA LEU A 302 -19.79 -5.42 -0.75
C LEU A 302 -19.98 -6.30 0.47
N SER A 303 -19.25 -7.41 0.53
CA SER A 303 -19.34 -8.31 1.66
C SER A 303 -18.93 -7.62 2.95
N CYS A 304 -18.22 -6.48 2.88
CA CYS A 304 -17.83 -5.85 4.13
C CYS A 304 -18.60 -4.60 4.52
N THR A 305 -19.63 -4.23 3.75
CA THR A 305 -20.27 -2.95 3.92
C THR A 305 -21.11 -2.86 5.18
N SER A 306 -21.38 -3.94 5.92
CA SER A 306 -22.11 -3.88 7.18
C SER A 306 -21.17 -4.07 8.37
N HIS A 307 -19.89 -4.29 8.10
CA HIS A 307 -18.94 -4.35 9.23
C HIS A 307 -18.91 -2.99 9.92
N LYS A 308 -18.80 -2.89 11.25
CA LYS A 308 -19.00 -1.60 11.92
C LYS A 308 -17.97 -0.53 11.57
N ASP A 309 -16.85 -0.94 11.10
CA ASP A 309 -15.55 -0.42 10.87
C ASP A 309 -15.32 -0.35 9.36
N TYR A 310 -16.30 -0.72 8.56
CA TYR A 310 -16.17 -0.47 7.14
C TYR A 310 -15.78 0.97 6.89
N PRO A 311 -14.73 1.24 6.15
CA PRO A 311 -14.19 2.61 6.13
C PRO A 311 -14.83 3.55 5.15
N PHE A 312 -15.62 3.07 4.20
CA PHE A 312 -16.01 3.99 3.14
C PHE A 312 -17.45 4.43 3.15
N HIS A 313 -18.12 4.45 4.29
CA HIS A 313 -19.39 5.17 4.32
C HIS A 313 -19.10 6.67 4.45
N GLU A 314 -18.24 7.03 5.39
CA GLU A 314 -17.92 8.44 5.66
C GLU A 314 -17.43 9.10 4.39
N GLU A 315 -17.53 10.43 4.19
CA GLU A 315 -17.09 10.97 2.92
C GLU A 315 -15.60 10.64 2.76
N PHE A 316 -14.93 10.94 3.87
CA PHE A 316 -13.52 10.58 3.81
C PHE A 316 -13.08 10.08 5.18
PA NAP B . -1.94 -0.88 -10.27
O1A NAP B . -2.72 0.38 -10.34
O2A NAP B . -0.54 -0.77 -9.78
O5B NAP B . -2.07 -1.57 -11.69
C5B NAP B . -1.47 -2.83 -11.96
C4B NAP B . -1.86 -3.23 -13.40
O4B NAP B . -1.27 -2.32 -14.30
C3B NAP B . -1.30 -4.62 -13.82
O3B NAP B . -2.29 -5.21 -14.67
C2B NAP B . -0.01 -4.25 -14.54
O2B NAP B . 0.17 -5.22 -15.61
C1B NAP B . -0.45 -2.98 -15.23
N9A NAP B . 0.63 -2.12 -15.55
C8A NAP B . 1.75 -1.84 -14.76
N7A NAP B . 2.61 -1.03 -15.32
C5A NAP B . 2.04 -0.73 -16.52
C6A NAP B . 2.56 0.11 -17.54
N6A NAP B . 3.69 0.79 -17.53
N1A NAP B . 1.75 0.20 -18.68
C2A NAP B . 0.52 -0.48 -18.83
N3A NAP B . 0.04 -1.29 -17.82
C4A NAP B . 0.83 -1.41 -16.66
O3 NAP B . -2.73 -1.95 -9.42
PN NAP B . -2.80 -2.61 -7.96
O1N NAP B . -2.00 -3.88 -8.00
O2N NAP B . -4.21 -2.67 -7.55
O5D NAP B . -2.13 -1.54 -6.97
C5D NAP B . -0.65 -1.46 -6.85
C4D NAP B . -0.24 -2.12 -5.55
O4D NAP B . -0.91 -1.47 -4.42
C3D NAP B . -0.75 -3.60 -5.33
O3D NAP B . -0.08 -4.53 -6.15
C2D NAP B . -0.52 -3.74 -3.80
O2D NAP B . 0.90 -3.89 -3.61
C1D NAP B . -1.00 -2.38 -3.29
N1N NAP B . -2.45 -2.34 -2.89
C2N NAP B . -2.68 -2.28 -1.49
C3N NAP B . -4.03 -2.37 -1.14
C7N NAP B . -4.40 -2.31 0.36
O7N NAP B . -5.54 -2.56 0.70
N7N NAP B . -3.54 -1.61 1.07
C4N NAP B . -5.08 -2.51 -2.10
C5N NAP B . -4.83 -2.57 -3.51
C6N NAP B . -3.46 -2.47 -3.88
P2B NAP B . 1.36 -6.35 -15.57
O1X NAP B . 2.54 -5.63 -16.23
O2X NAP B . 1.56 -6.68 -14.13
O3X NAP B . 0.80 -7.47 -16.41
C1 BTO C . -11.07 -6.16 3.64
C2 BTO C . -12.03 -5.16 3.95
C3 BTO C . -12.60 -4.38 2.89
C4 BTO C . -12.22 -4.55 1.53
C5 BTO C . -11.27 -5.54 1.15
C6 BTO C . -10.66 -6.36 2.31
N BTO C . -13.56 -3.40 3.12
O BTO C . -13.96 -2.81 2.13
O1 BTO C . -13.91 -3.21 4.27
C7 BTO C . -10.78 -5.45 -0.27
N1 BTO C . -9.61 -6.07 -0.77
C8 BTO C . -9.48 -5.85 -1.99
C9 BTO C . -8.53 -6.53 -2.89
C10 BTO C . -7.14 -6.95 -2.33
C11 BTO C . -6.34 -5.62 -2.22
C12 BTO C . -5.18 -5.65 -1.23
O13 BTO C . -4.11 -5.17 -1.56
O14 BTO C . -5.29 -6.15 -0.14
O15 BTO C . -10.54 -5.08 -2.38
N2 BTO C . -11.35 -4.83 -1.25
#